data_6ZL9
#
_entry.id   6ZL9
#
_entity_poly.entity_id   1
_entity_poly.type   'polydeoxyribonucleotide'
_entity_poly.pdbx_seq_one_letter_code
;(DG)(DA)(DT)(DC)(DA)(DG)(DT)(DT)(DT)(DT)(DA)(DC)(DT)(DG)(DA)(DT)(DC)(DG)(DG)(DG)
(DT)(DG)(DG)(DG)(DT)(DA)(DG)(DG)(DG)(DT)(DG)(DG)(DG)(DT)(DA)
;
_entity_poly.pdbx_strand_id   A
#
loop_
_chem_comp.id
_chem_comp.type
_chem_comp.name
_chem_comp.formula
DA DNA linking 2'-DEOXYADENOSINE-5'-MONOPHOSPHATE 'C10 H14 N5 O6 P'
DC DNA linking 2'-DEOXYCYTIDINE-5'-MONOPHOSPHATE 'C9 H14 N3 O7 P'
DG DNA linking 2'-DEOXYGUANOSINE-5'-MONOPHOSPHATE 'C10 H14 N5 O7 P'
DT DNA linking THYMIDINE-5'-MONOPHOSPHATE 'C10 H15 N2 O8 P'
#